data_6VQD
#
_entry.id   6VQD
#
_cell.length_a   50.871
_cell.length_b   82.709
_cell.length_c   108.643
_cell.angle_alpha   90.000
_cell.angle_beta   90.000
_cell.angle_gamma   90.000
#
_symmetry.space_group_name_H-M   'P 21 21 21'
#
loop_
_entity.id
_entity.type
_entity.pdbx_description
1 polymer 'MHC class I antigen'
2 polymer Beta-2-microglobulin
3 polymer '8-mer peptide'
4 non-polymer GLYCEROL
5 water water
#
loop_
_entity_poly.entity_id
_entity_poly.type
_entity_poly.pdbx_seq_one_letter_code
_entity_poly.pdbx_strand_id
1 'polypeptide(L)'
;GSHSMRYFHTSVSRPGRGEPRFITVGYVDDTLFVRFDSDAASPREEPRAPWIEQEGPEYWDRETQICKAKAQTDREDLRT
LLRYYNQSEAGSHTLQNMYGCDVGPDGRLLRGYHQDAYDGKDYIALNEDLSSWTAADTAAQITQRKWEAARVAEQLRAYL
EGECVEWLRRYLENGKETLQRADPPKTHVTHHPISDHEATLRCWALGFYPAEITLTWQRDGEDQTQDTELVETRPAGDRT
FQKWAAVVVPSGEEQRYTCHVQHEGLPKPLTLRWEP
;
A
2 'polypeptide(L)'
;MIQRTPKIQVYSRHPAENGKSNFLNCYVSGFHPSDIEVDLLKNGERIEKVEHSDLSFSKDWSFYLLYYTEFTPTEKDEYA
CRVNHVTLSQPKIVKWDRDM
;
B
3 'polypeptide(L)' KRWIILGL C
#
# COMPACT_ATOMS: atom_id res chain seq x y z
N GLY A 1 -18.51 9.56 3.64
CA GLY A 1 -17.54 9.89 4.73
C GLY A 1 -16.47 10.84 4.26
N SER A 2 -15.30 10.78 4.89
CA SER A 2 -14.15 11.56 4.47
C SER A 2 -13.38 10.81 3.37
N HIS A 3 -12.55 11.55 2.66
CA HIS A 3 -11.85 11.02 1.49
C HIS A 3 -10.46 11.64 1.41
N SER A 4 -9.59 11.00 0.64
CA SER A 4 -8.24 11.46 0.47
C SER A 4 -7.82 11.27 -0.98
N MET A 5 -6.91 12.13 -1.43
CA MET A 5 -6.21 11.95 -2.70
C MET A 5 -4.72 11.95 -2.38
N ARG A 6 -3.99 10.98 -2.92
CA ARG A 6 -2.55 10.91 -2.69
C ARG A 6 -1.82 10.57 -3.99
N TYR A 7 -0.69 11.23 -4.21
CA TYR A 7 0.28 10.86 -5.24
C TYR A 7 1.56 10.37 -4.55
N PHE A 8 2.01 9.17 -4.93
CA PHE A 8 3.21 8.56 -4.41
C PHE A 8 4.28 8.46 -5.49
N HIS A 9 5.54 8.66 -5.13
CA HIS A 9 6.64 8.67 -6.08
C HIS A 9 7.83 7.96 -5.46
N THR A 10 8.48 7.10 -6.24
CA THR A 10 9.67 6.41 -5.81
C THR A 10 10.68 6.44 -6.95
N SER A 11 11.89 6.93 -6.68
CA SER A 11 13.03 6.80 -7.60
C SER A 11 14.08 5.96 -6.90
N VAL A 12 14.64 4.98 -7.62
CA VAL A 12 15.65 4.07 -7.07
C VAL A 12 16.85 4.06 -8.02
N SER A 13 17.99 4.55 -7.55
CA SER A 13 19.17 4.54 -8.41
C SER A 13 19.75 3.12 -8.53
N ARG A 14 20.55 2.91 -9.59
CA ARG A 14 21.10 1.59 -9.90
C ARG A 14 22.42 1.80 -10.66
N PRO A 15 23.46 2.26 -9.96
CA PRO A 15 24.71 2.62 -10.62
C PRO A 15 25.23 1.44 -11.45
N GLY A 16 25.69 1.75 -12.65
CA GLY A 16 26.16 0.76 -13.60
C GLY A 16 25.06 0.06 -14.36
N ARG A 17 23.80 0.37 -14.08
CA ARG A 17 22.65 -0.26 -14.74
C ARG A 17 21.68 0.80 -15.23
N GLY A 18 22.20 1.91 -15.73
CA GLY A 18 21.38 2.93 -16.31
C GLY A 18 20.98 3.97 -15.28
N GLU A 19 19.95 4.76 -15.63
CA GLU A 19 19.45 5.84 -14.79
C GLU A 19 18.40 5.32 -13.81
N PRO A 20 18.07 6.10 -12.77
CA PRO A 20 17.13 5.61 -11.77
C PRO A 20 15.77 5.27 -12.35
N ARG A 21 15.17 4.24 -11.80
CA ARG A 21 13.82 3.86 -12.14
C ARG A 21 12.85 4.70 -11.31
N PHE A 22 11.86 5.26 -11.98
CA PHE A 22 10.88 6.16 -11.39
C PHE A 22 9.48 5.59 -11.56
N ILE A 23 8.78 5.40 -10.44
CA ILE A 23 7.41 4.91 -10.45
C ILE A 23 6.55 5.81 -9.59
N THR A 24 5.45 6.29 -10.14
CA THR A 24 4.48 7.08 -9.42
C THR A 24 3.07 6.54 -9.69
N VAL A 25 2.25 6.56 -8.63
CA VAL A 25 0.88 6.09 -8.65
C VAL A 25 0.04 7.10 -7.90
N GLY A 26 -1.19 7.26 -8.34
CA GLY A 26 -2.15 8.13 -7.67
C GLY A 26 -3.32 7.30 -7.14
N TYR A 27 -3.82 7.69 -5.96
CA TYR A 27 -4.92 7.02 -5.29
C TYR A 27 -5.97 8.03 -4.88
N VAL A 28 -7.22 7.63 -4.98
CA VAL A 28 -8.30 8.25 -4.21
C VAL A 28 -8.78 7.21 -3.20
N ASP A 29 -8.75 7.55 -1.91
CA ASP A 29 -8.97 6.59 -0.84
C ASP A 29 -8.07 5.40 -1.14
N ASP A 30 -8.60 4.17 -1.18
CA ASP A 30 -7.80 2.98 -1.43
C ASP A 30 -7.92 2.49 -2.86
N THR A 31 -8.27 3.37 -3.79
CA THR A 31 -8.47 3.01 -5.20
C THR A 31 -7.36 3.62 -6.03
N LEU A 32 -6.56 2.77 -6.65
CA LEU A 32 -5.57 3.24 -7.61
C LEU A 32 -6.29 3.78 -8.84
N PHE A 33 -5.86 4.94 -9.34
CA PHE A 33 -6.47 5.48 -10.55
C PHE A 33 -5.49 5.95 -11.63
N VAL A 34 -4.19 6.17 -11.33
CA VAL A 34 -3.24 6.51 -12.37
C VAL A 34 -1.88 5.89 -12.04
N ARG A 35 -1.13 5.53 -13.07
CA ARG A 35 0.23 5.04 -12.87
C ARG A 35 1.18 5.62 -13.91
N PHE A 36 2.47 5.62 -13.57
CA PHE A 36 3.54 5.93 -14.54
C PHE A 36 4.82 5.20 -14.13
N ASP A 37 5.46 4.55 -15.10
CA ASP A 37 6.68 3.77 -14.86
C ASP A 37 7.70 4.16 -15.92
N SER A 38 8.87 4.64 -15.49
CA SER A 38 9.87 5.12 -16.45
C SER A 38 10.44 3.99 -17.29
N ASP A 39 10.34 2.75 -16.83
CA ASP A 39 10.84 1.62 -17.60
C ASP A 39 9.80 1.05 -18.55
N ALA A 40 8.60 1.62 -18.60
CA ALA A 40 7.58 1.13 -19.52
C ALA A 40 8.00 1.38 -20.97
N ALA A 41 7.33 0.69 -21.88
CA ALA A 41 7.65 0.73 -23.30
C ALA A 41 7.76 2.15 -23.83
N SER A 42 6.64 2.87 -23.84
CA SER A 42 6.59 4.29 -24.22
C SER A 42 5.95 5.03 -23.05
N PRO A 43 6.72 5.43 -22.04
CA PRO A 43 6.11 5.91 -20.79
C PRO A 43 5.10 7.03 -20.96
N ARG A 44 3.88 6.78 -20.48
CA ARG A 44 2.86 7.79 -20.32
C ARG A 44 2.11 7.47 -19.03
N GLU A 45 1.47 8.47 -18.45
CA GLU A 45 0.58 8.19 -17.34
C GLU A 45 -0.65 7.47 -17.88
N GLU A 46 -0.97 6.32 -17.28
CA GLU A 46 -2.05 5.46 -17.74
C GLU A 46 -3.19 5.42 -16.72
N PRO A 47 -4.44 5.37 -17.20
CA PRO A 47 -5.57 5.19 -16.29
C PRO A 47 -5.58 3.79 -15.70
N ARG A 48 -6.11 3.72 -14.48
CA ARG A 48 -6.29 2.45 -13.78
C ARG A 48 -7.66 2.36 -13.12
N ALA A 49 -8.55 3.32 -13.36
CA ALA A 49 -9.93 3.29 -12.89
C ALA A 49 -10.83 3.80 -14.00
N PRO A 50 -12.04 3.22 -14.15
CA PRO A 50 -12.88 3.65 -15.28
C PRO A 50 -13.27 5.13 -15.22
N TRP A 51 -13.46 5.70 -14.03
CA TRP A 51 -13.96 7.07 -13.91
C TRP A 51 -12.92 8.13 -14.25
N ILE A 52 -11.65 7.77 -14.40
CA ILE A 52 -10.67 8.74 -14.88
C ILE A 52 -10.50 8.68 -16.40
N GLU A 53 -11.03 7.66 -17.07
CA GLU A 53 -10.79 7.52 -18.50
C GLU A 53 -11.44 8.65 -19.29
N GLN A 54 -12.52 9.24 -18.76
CA GLN A 54 -13.21 10.31 -19.46
C GLN A 54 -12.41 11.60 -19.52
N GLU A 55 -11.31 11.73 -18.79
CA GLU A 55 -10.53 12.95 -18.91
C GLU A 55 -9.92 13.01 -20.30
N GLY A 56 -9.84 14.22 -20.85
CA GLY A 56 -9.44 14.41 -22.22
C GLY A 56 -7.97 14.22 -22.45
N PRO A 57 -7.54 14.27 -23.71
CA PRO A 57 -6.11 14.14 -24.00
C PRO A 57 -5.26 15.27 -23.43
N GLU A 58 -5.83 16.48 -23.27
CA GLU A 58 -5.09 17.55 -22.62
C GLU A 58 -4.68 17.15 -21.21
N TYR A 59 -5.59 16.53 -20.47
CA TYR A 59 -5.31 16.08 -19.12
C TYR A 59 -4.18 15.06 -19.10
N TRP A 60 -4.21 14.08 -20.01
CA TRP A 60 -3.19 13.05 -20.02
C TRP A 60 -1.85 13.61 -20.48
N ASP A 61 -1.86 14.55 -21.43
CA ASP A 61 -0.62 15.15 -21.89
C ASP A 61 0.07 15.89 -20.76
N ARG A 62 -0.68 16.74 -20.05
CA ARG A 62 -0.11 17.49 -18.93
C ARG A 62 0.39 16.57 -17.82
N GLU A 63 -0.43 15.58 -17.45
CA GLU A 63 -0.01 14.62 -16.44
C GLU A 63 1.27 13.90 -16.85
N THR A 64 1.36 13.48 -18.11
CA THR A 64 2.56 12.75 -18.53
C THR A 64 3.78 13.66 -18.50
N GLN A 65 3.61 14.92 -18.88
CA GLN A 65 4.71 15.87 -18.84
C GLN A 65 5.20 16.06 -17.41
N ILE A 66 4.26 16.21 -16.48
CA ILE A 66 4.61 16.37 -15.07
C ILE A 66 5.37 15.15 -14.57
N CYS A 67 4.89 13.96 -14.94
CA CYS A 67 5.54 12.74 -14.51
C CYS A 67 6.97 12.67 -15.02
N LYS A 68 7.18 13.01 -16.29
CA LYS A 68 8.52 12.95 -16.84
C LYS A 68 9.43 14.00 -16.19
N ALA A 69 8.90 15.20 -15.95
CA ALA A 69 9.68 16.23 -15.29
C ALA A 69 10.04 15.81 -13.87
N LYS A 70 9.14 15.12 -13.19
CA LYS A 70 9.41 14.65 -11.83
C LYS A 70 10.49 13.59 -11.84
N ALA A 71 10.47 12.70 -12.84
CA ALA A 71 11.55 11.72 -12.96
C ALA A 71 12.90 12.40 -13.08
N GLN A 72 12.97 13.47 -13.87
CA GLN A 72 14.24 14.17 -14.06
C GLN A 72 14.66 14.90 -12.80
N THR A 73 13.73 15.62 -12.15
CA THR A 73 14.11 16.30 -10.91
C THR A 73 14.53 15.30 -9.85
N ASP A 74 13.87 14.14 -9.79
CA ASP A 74 14.31 13.10 -8.86
C ASP A 74 15.75 12.69 -9.14
N ARG A 75 16.13 12.58 -10.41
CA ARG A 75 17.51 12.18 -10.71
C ARG A 75 18.49 13.22 -10.20
N GLU A 76 18.18 14.50 -10.42
CA GLU A 76 19.00 15.58 -9.90
C GLU A 76 19.03 15.55 -8.37
N ASP A 77 17.88 15.35 -7.75
CA ASP A 77 17.81 15.32 -6.29
C ASP A 77 18.61 14.16 -5.71
N LEU A 78 18.63 13.01 -6.38
CA LEU A 78 19.40 11.89 -5.88
C LEU A 78 20.90 12.20 -5.88
N ARG A 79 21.37 12.91 -6.93
CA ARG A 79 22.77 13.33 -6.99
C ARG A 79 23.08 14.33 -5.87
N THR A 80 22.18 15.28 -5.66
CA THR A 80 22.33 16.25 -4.58
C THR A 80 22.44 15.56 -3.22
N LEU A 81 21.57 14.57 -2.98
CA LEU A 81 21.55 13.89 -1.68
C LEU A 81 22.83 13.11 -1.44
N LEU A 82 23.42 12.53 -2.48
CA LEU A 82 24.76 11.95 -2.33
C LEU A 82 25.74 12.96 -1.76
N ARG A 83 25.72 14.19 -2.29
CA ARG A 83 26.62 15.21 -1.76
C ARG A 83 26.26 15.54 -0.32
N TYR A 84 24.97 15.72 -0.03
CA TYR A 84 24.57 16.14 1.31
C TYR A 84 24.99 15.14 2.38
N TYR A 85 25.06 13.85 2.06
CA TYR A 85 25.41 12.82 3.02
C TYR A 85 26.81 12.26 2.82
N ASN A 86 27.61 12.92 1.97
CA ASN A 86 29.01 12.55 1.73
C ASN A 86 29.10 11.08 1.34
N GLN A 87 28.24 10.67 0.42
CA GLN A 87 28.14 9.28 0.01
C GLN A 87 28.79 9.01 -1.34
N SER A 88 29.22 7.77 -1.52
CA SER A 88 29.79 7.29 -2.76
C SER A 88 28.74 7.19 -3.85
N GLU A 89 29.21 7.18 -5.10
CA GLU A 89 28.33 6.91 -6.23
C GLU A 89 28.13 5.41 -6.47
N ALA A 90 28.63 4.56 -5.59
CA ALA A 90 28.65 3.14 -5.86
C ALA A 90 27.32 2.45 -5.54
N GLY A 91 26.53 3.01 -4.63
CA GLY A 91 25.42 2.31 -4.06
C GLY A 91 24.08 2.76 -4.60
N SER A 92 23.07 1.89 -4.43
CA SER A 92 21.70 2.23 -4.79
C SER A 92 21.04 3.01 -3.66
N HIS A 93 20.36 4.09 -4.01
CA HIS A 93 19.62 4.90 -3.03
C HIS A 93 18.19 5.17 -3.50
N THR A 94 17.33 5.52 -2.54
CA THR A 94 15.91 5.67 -2.79
C THR A 94 15.42 7.04 -2.37
N LEU A 95 14.62 7.67 -3.22
CA LEU A 95 13.95 8.93 -2.90
C LEU A 95 12.45 8.69 -3.03
N GLN A 96 11.71 8.97 -1.96
CA GLN A 96 10.26 8.84 -1.94
C GLN A 96 9.61 10.19 -1.64
N ASN A 97 8.48 10.44 -2.28
CA ASN A 97 7.68 11.66 -2.06
C ASN A 97 6.20 11.30 -2.09
N MET A 98 5.44 11.81 -1.11
CA MET A 98 3.99 11.73 -1.12
C MET A 98 3.43 13.13 -0.92
N TYR A 99 2.33 13.37 -1.60
CA TYR A 99 1.58 14.60 -1.46
C TYR A 99 0.10 14.32 -1.71
N GLY A 100 -0.69 15.20 -1.15
CA GLY A 100 -2.11 15.09 -1.19
C GLY A 100 -2.93 15.88 -0.16
N CYS A 101 -4.20 15.56 -0.23
CA CYS A 101 -5.21 16.13 0.57
C CYS A 101 -6.29 15.20 1.05
N ASP A 102 -6.83 15.57 2.19
CA ASP A 102 -7.91 14.91 2.86
C ASP A 102 -9.08 15.90 2.95
N VAL A 103 -10.27 15.44 2.69
CA VAL A 103 -11.47 16.26 2.77
C VAL A 103 -12.53 15.55 3.59
N GLY A 104 -13.41 16.35 4.21
CA GLY A 104 -14.46 15.80 5.03
C GLY A 104 -15.69 15.43 4.20
N PRO A 105 -16.73 14.93 4.87
CA PRO A 105 -17.95 14.53 4.13
C PRO A 105 -18.55 15.66 3.32
N ASP A 106 -18.33 16.89 3.76
CA ASP A 106 -18.79 18.08 3.07
C ASP A 106 -17.89 18.52 1.94
N GLY A 107 -16.78 17.83 1.72
CA GLY A 107 -15.80 18.26 0.75
C GLY A 107 -14.84 19.34 1.21
N ARG A 108 -14.92 19.76 2.48
CA ARG A 108 -13.98 20.74 3.00
C ARG A 108 -12.61 20.11 3.21
N LEU A 109 -11.57 20.90 2.98
CA LEU A 109 -10.21 20.47 3.29
C LEU A 109 -10.06 20.15 4.78
N LEU A 110 -9.62 18.94 5.08
CA LEU A 110 -9.26 18.60 6.44
C LEU A 110 -7.77 18.85 6.70
N ARG A 111 -6.92 18.42 5.78
CA ARG A 111 -5.52 18.82 5.80
C ARG A 111 -4.82 18.39 4.53
N GLY A 112 -3.65 18.99 4.30
CA GLY A 112 -2.83 18.66 3.16
C GLY A 112 -1.49 18.11 3.60
N TYR A 113 -0.78 17.50 2.65
CA TYR A 113 0.46 16.80 2.93
C TYR A 113 1.46 17.00 1.80
N HIS A 114 2.73 17.08 2.15
CA HIS A 114 3.82 16.97 1.18
C HIS A 114 5.08 16.56 1.94
N GLN A 115 5.58 15.34 1.70
CA GLN A 115 6.70 14.86 2.50
C GLN A 115 7.60 13.94 1.70
N ASP A 116 8.85 13.87 2.14
CA ASP A 116 9.90 13.16 1.42
C ASP A 116 10.69 12.29 2.38
N ALA A 117 11.22 11.19 1.85
CA ALA A 117 12.08 10.29 2.58
C ALA A 117 13.28 9.95 1.72
N TYR A 118 14.44 9.81 2.34
CA TYR A 118 15.65 9.37 1.66
C TYR A 118 16.07 8.06 2.30
N ASP A 119 16.24 7.04 1.47
CA ASP A 119 16.71 5.75 1.95
C ASP A 119 15.82 5.23 3.09
N GLY A 120 14.53 5.45 2.95
CA GLY A 120 13.54 4.92 3.84
C GLY A 120 13.35 5.72 5.10
N LYS A 121 14.03 6.85 5.24
CA LYS A 121 14.00 7.67 6.45
C LYS A 121 13.37 9.02 6.16
N ASP A 122 12.56 9.52 7.11
CA ASP A 122 12.08 10.89 7.03
C ASP A 122 13.22 11.82 6.60
N TYR A 123 12.94 12.68 5.62
CA TYR A 123 13.88 13.69 5.16
C TYR A 123 13.31 15.08 5.45
N ILE A 124 12.24 15.48 4.79
CA ILE A 124 11.62 16.77 5.06
C ILE A 124 10.12 16.68 4.81
N ALA A 125 9.36 17.42 5.61
CA ALA A 125 7.91 17.34 5.56
C ALA A 125 7.31 18.73 5.70
N LEU A 126 6.31 19.01 4.86
CA LEU A 126 5.48 20.20 5.07
C LEU A 126 4.63 20.01 6.30
N ASN A 127 4.61 21.03 7.18
CA ASN A 127 3.81 20.93 8.38
C ASN A 127 2.32 21.14 8.05
N GLU A 128 1.48 20.78 9.01
CA GLU A 128 0.03 20.87 8.81
C GLU A 128 -0.41 22.31 8.54
N ASP A 129 0.36 23.29 8.99
CA ASP A 129 0.04 24.69 8.70
C ASP A 129 0.18 25.02 7.23
N LEU A 130 0.81 24.14 6.45
CA LEU A 130 1.07 24.38 5.02
C LEU A 130 1.90 25.64 4.82
N SER A 131 2.66 26.01 5.85
CA SER A 131 3.51 27.20 5.75
C SER A 131 4.92 27.00 6.25
N SER A 132 5.21 25.96 7.03
CA SER A 132 6.53 25.73 7.59
C SER A 132 6.93 24.28 7.38
N TRP A 133 8.20 23.98 7.64
CA TRP A 133 8.79 22.70 7.31
C TRP A 133 9.40 22.05 8.55
N THR A 134 9.39 20.73 8.57
CA THR A 134 10.14 19.95 9.54
C THR A 134 11.24 19.20 8.78
N ALA A 135 12.49 19.54 9.07
CA ALA A 135 13.64 18.86 8.49
C ALA A 135 14.21 17.84 9.46
N ALA A 136 14.53 16.65 8.97
CA ALA A 136 14.91 15.59 9.89
C ALA A 136 16.35 15.68 10.38
N ASP A 137 17.22 16.36 9.66
CA ASP A 137 18.64 16.39 9.98
C ASP A 137 19.25 17.60 9.31
N THR A 138 20.58 17.74 9.45
CA THR A 138 21.21 18.95 8.93
C THR A 138 21.26 18.97 7.40
N ALA A 139 21.18 17.82 6.75
CA ALA A 139 21.07 17.81 5.30
C ALA A 139 19.74 18.40 4.86
N ALA A 140 18.65 17.90 5.42
CA ALA A 140 17.33 18.41 5.09
C ALA A 140 17.19 19.88 5.45
N GLN A 141 17.95 20.35 6.44
CA GLN A 141 17.93 21.77 6.74
C GLN A 141 18.40 22.59 5.55
N ILE A 142 19.29 22.05 4.72
CA ILE A 142 19.73 22.79 3.55
C ILE A 142 18.60 22.91 2.55
N THR A 143 17.89 21.81 2.30
CA THR A 143 16.70 21.85 1.46
C THR A 143 15.68 22.84 2.02
N GLN A 144 15.49 22.83 3.34
CA GLN A 144 14.53 23.74 3.96
C GLN A 144 14.86 25.18 3.64
N ARG A 145 16.14 25.56 3.80
CA ARG A 145 16.54 26.94 3.51
C ARG A 145 16.27 27.29 2.05
N LYS A 146 16.61 26.38 1.14
CA LYS A 146 16.34 26.57 -0.29
C LYS A 146 14.85 26.69 -0.58
N TRP A 147 14.04 25.81 0.02
CA TRP A 147 12.61 25.89 -0.24
C TRP A 147 11.97 27.11 0.42
N GLU A 148 12.49 27.53 1.57
CA GLU A 148 12.00 28.77 2.15
C GLU A 148 12.33 29.96 1.26
N ALA A 149 13.55 30.02 0.75
CA ALA A 149 13.91 31.16 -0.09
C ALA A 149 13.10 31.18 -1.38
N ALA A 150 12.68 30.01 -1.87
CA ALA A 150 11.90 29.93 -3.10
C ALA A 150 10.39 29.99 -2.85
N ARG A 151 9.98 30.14 -1.59
CA ARG A 151 8.56 30.22 -1.20
C ARG A 151 7.78 29.00 -1.71
N VAL A 152 8.39 27.82 -1.58
CA VAL A 152 7.74 26.60 -2.03
C VAL A 152 6.46 26.33 -1.22
N ALA A 153 6.51 26.57 0.09
CA ALA A 153 5.35 26.25 0.92
C ALA A 153 4.13 27.03 0.48
N GLU A 154 4.31 28.30 0.10
CA GLU A 154 3.18 29.11 -0.36
CA GLU A 154 3.18 29.11 -0.36
C GLU A 154 2.56 28.51 -1.62
N GLN A 155 3.39 27.99 -2.51
N GLN A 155 3.40 28.00 -2.51
CA GLN A 155 2.89 27.37 -3.73
CA GLN A 155 2.90 27.38 -3.73
C GLN A 155 2.15 26.08 -3.42
C GLN A 155 2.15 26.07 -3.43
N LEU A 156 2.69 25.27 -2.51
CA LEU A 156 2.00 24.04 -2.13
C LEU A 156 0.69 24.35 -1.44
N ARG A 157 0.65 25.35 -0.57
CA ARG A 157 -0.59 25.69 0.11
C ARG A 157 -1.68 26.03 -0.89
N ALA A 158 -1.33 26.78 -1.94
CA ALA A 158 -2.32 27.17 -2.94
C ALA A 158 -2.86 25.95 -3.67
N TYR A 159 -1.97 25.02 -4.01
CA TYR A 159 -2.41 23.79 -4.67
C TYR A 159 -3.26 22.95 -3.73
N LEU A 160 -2.79 22.73 -2.51
CA LEU A 160 -3.46 21.81 -1.61
C LEU A 160 -4.84 22.32 -1.20
N GLU A 161 -4.99 23.64 -1.04
CA GLU A 161 -6.31 24.19 -0.72
C GLU A 161 -7.18 24.38 -1.95
N GLY A 162 -6.60 24.40 -3.15
CA GLY A 162 -7.35 24.65 -4.36
C GLY A 162 -7.52 23.42 -5.22
N GLU A 163 -6.63 23.23 -6.19
CA GLU A 163 -6.81 22.14 -7.15
C GLU A 163 -6.90 20.77 -6.46
N CYS A 164 -6.16 20.54 -5.42
CA CYS A 164 -6.21 19.26 -4.80
C CYS A 164 -7.60 18.89 -4.37
N VAL A 165 -8.22 19.79 -3.65
CA VAL A 165 -9.57 19.59 -3.14
C VAL A 165 -10.57 19.59 -4.29
N GLU A 166 -10.41 20.49 -5.24
N GLU A 166 -10.40 20.49 -5.24
CA GLU A 166 -11.38 20.61 -6.32
CA GLU A 166 -11.37 20.61 -6.32
C GLU A 166 -11.36 19.37 -7.22
C GLU A 166 -11.37 19.38 -7.22
N TRP A 167 -10.18 18.85 -7.53
CA TRP A 167 -10.16 17.67 -8.39
C TRP A 167 -10.51 16.40 -7.64
N LEU A 168 -10.16 16.29 -6.35
CA LEU A 168 -10.67 15.19 -5.56
C LEU A 168 -12.20 15.20 -5.54
N ARG A 169 -12.80 16.38 -5.37
CA ARG A 169 -14.27 16.42 -5.40
C ARG A 169 -14.81 15.98 -6.75
N ARG A 170 -14.16 16.39 -7.83
CA ARG A 170 -14.56 15.97 -9.18
C ARG A 170 -14.45 14.46 -9.35
N TYR A 171 -13.31 13.89 -8.96
CA TYR A 171 -13.15 12.44 -9.07
C TYR A 171 -14.20 11.72 -8.24
N LEU A 172 -14.51 12.24 -7.06
CA LEU A 172 -15.47 11.56 -6.19
C LEU A 172 -16.84 11.52 -6.86
N GLU A 173 -17.21 12.58 -7.56
CA GLU A 173 -18.49 12.60 -8.27
C GLU A 173 -18.45 11.65 -9.46
N ASN A 174 -17.42 11.73 -10.29
CA ASN A 174 -17.39 10.91 -11.49
C ASN A 174 -17.31 9.43 -11.15
N GLY A 175 -16.66 9.07 -10.05
CA GLY A 175 -16.59 7.69 -9.63
C GLY A 175 -17.49 7.33 -8.46
N LYS A 176 -18.59 8.06 -8.29
CA LYS A 176 -19.39 7.89 -7.09
C LYS A 176 -19.96 6.49 -6.96
N GLU A 177 -20.15 5.79 -8.09
CA GLU A 177 -20.66 4.43 -8.02
C GLU A 177 -19.78 3.54 -7.15
N THR A 178 -18.46 3.73 -7.23
CA THR A 178 -17.51 2.91 -6.50
C THR A 178 -16.82 3.65 -5.36
N LEU A 179 -16.37 4.89 -5.62
CA LEU A 179 -15.62 5.61 -4.59
C LEU A 179 -16.51 5.96 -3.40
N GLN A 180 -17.81 6.08 -3.61
CA GLN A 180 -18.70 6.43 -2.51
C GLN A 180 -19.58 5.27 -2.09
N ARG A 181 -19.12 4.04 -2.33
CA ARG A 181 -19.80 2.83 -1.87
C ARG A 181 -18.85 2.08 -0.96
N ALA A 182 -19.29 1.80 0.26
CA ALA A 182 -18.54 0.97 1.20
C ALA A 182 -19.09 -0.44 1.12
N ASP A 183 -18.20 -1.41 0.91
CA ASP A 183 -18.57 -2.82 0.89
C ASP A 183 -18.25 -3.42 2.25
N PRO A 184 -19.24 -3.87 3.02
CA PRO A 184 -18.96 -4.38 4.36
C PRO A 184 -18.24 -5.72 4.29
N PRO A 185 -17.53 -6.09 5.35
CA PRO A 185 -16.85 -7.38 5.37
C PRO A 185 -17.83 -8.54 5.51
N LYS A 186 -17.53 -9.62 4.81
CA LYS A 186 -18.11 -10.93 5.07
C LYS A 186 -17.26 -11.60 6.15
N THR A 187 -17.90 -12.02 7.25
CA THR A 187 -17.15 -12.48 8.41
C THR A 187 -17.53 -13.89 8.83
N HIS A 188 -16.53 -14.62 9.37
CA HIS A 188 -16.74 -15.93 9.97
C HIS A 188 -15.56 -16.25 10.88
N VAL A 189 -15.77 -17.21 11.79
CA VAL A 189 -14.74 -17.67 12.71
C VAL A 189 -14.41 -19.12 12.42
N THR A 190 -13.12 -19.42 12.31
CA THR A 190 -12.65 -20.79 12.13
C THR A 190 -11.93 -21.27 13.39
N HIS A 191 -11.89 -22.59 13.55
CA HIS A 191 -11.38 -23.25 14.73
C HIS A 191 -10.38 -24.31 14.27
N HIS A 192 -9.19 -24.29 14.85
CA HIS A 192 -8.15 -25.26 14.52
C HIS A 192 -7.48 -25.71 15.81
N PRO A 193 -7.73 -26.93 16.30
CA PRO A 193 -7.05 -27.38 17.51
C PRO A 193 -5.55 -27.45 17.27
N ILE A 194 -4.79 -26.93 18.22
CA ILE A 194 -3.35 -27.09 18.21
C ILE A 194 -2.95 -28.37 18.94
N SER A 195 -3.64 -28.64 20.04
CA SER A 195 -3.29 -29.71 20.95
C SER A 195 -4.57 -30.23 21.60
N ASP A 196 -4.41 -31.20 22.52
CA ASP A 196 -5.50 -31.63 23.38
C ASP A 196 -5.95 -30.55 24.35
N HIS A 197 -5.15 -29.49 24.52
CA HIS A 197 -5.38 -28.50 25.56
C HIS A 197 -5.56 -27.08 25.02
N GLU A 198 -5.39 -26.86 23.72
CA GLU A 198 -5.40 -25.52 23.16
C GLU A 198 -5.93 -25.57 21.74
N ALA A 199 -6.48 -24.45 21.30
CA ALA A 199 -7.05 -24.34 19.97
C ALA A 199 -6.92 -22.90 19.49
N THR A 200 -6.84 -22.73 18.18
CA THR A 200 -6.78 -21.40 17.56
C THR A 200 -8.16 -21.01 17.06
N LEU A 201 -8.62 -19.83 17.47
CA LEU A 201 -9.78 -19.19 16.90
C LEU A 201 -9.29 -18.09 15.96
N ARG A 202 -9.78 -18.08 14.73
CA ARG A 202 -9.36 -17.06 13.76
C ARG A 202 -10.59 -16.35 13.22
N CYS A 203 -10.63 -15.03 13.39
CA CYS A 203 -11.74 -14.20 12.96
C CYS A 203 -11.40 -13.59 11.61
N TRP A 204 -12.25 -13.85 10.62
CA TRP A 204 -12.02 -13.47 9.23
C TRP A 204 -12.93 -12.34 8.78
N ALA A 205 -12.34 -11.41 8.03
CA ALA A 205 -13.06 -10.34 7.34
C ALA A 205 -12.62 -10.35 5.89
N LEU A 206 -13.57 -10.50 4.97
CA LEU A 206 -13.27 -10.62 3.56
C LEU A 206 -14.18 -9.71 2.73
N GLY A 207 -13.65 -9.29 1.59
CA GLY A 207 -14.44 -8.60 0.59
C GLY A 207 -14.86 -7.20 0.94
N PHE A 208 -14.14 -6.52 1.84
CA PHE A 208 -14.55 -5.20 2.28
C PHE A 208 -13.75 -4.10 1.59
N TYR A 209 -14.35 -2.90 1.55
CA TYR A 209 -13.82 -1.69 0.91
C TYR A 209 -14.50 -0.56 1.67
N PRO A 210 -13.76 0.44 2.17
CA PRO A 210 -12.31 0.64 2.06
C PRO A 210 -11.51 -0.26 2.99
N ALA A 211 -10.18 -0.08 3.01
CA ALA A 211 -9.30 -1.01 3.72
C ALA A 211 -9.39 -0.86 5.23
N GLU A 212 -9.70 0.33 5.74
CA GLU A 212 -9.76 0.56 7.18
C GLU A 212 -10.77 -0.37 7.85
N ILE A 213 -10.33 -1.04 8.91
CA ILE A 213 -11.18 -1.97 9.64
C ILE A 213 -10.55 -2.21 10.99
N THR A 214 -11.38 -2.55 11.97
CA THR A 214 -10.89 -2.99 13.27
C THR A 214 -11.45 -4.38 13.59
N LEU A 215 -10.56 -5.32 13.88
CA LEU A 215 -10.91 -6.67 14.30
C LEU A 215 -10.32 -6.91 15.67
N THR A 216 -11.15 -7.27 16.63
CA THR A 216 -10.63 -7.45 17.98
C THR A 216 -11.24 -8.71 18.60
N TRP A 217 -10.45 -9.39 19.42
CA TRP A 217 -10.92 -10.52 20.17
C TRP A 217 -11.09 -10.09 21.62
N GLN A 218 -12.22 -10.45 22.22
CA GLN A 218 -12.48 -10.29 23.64
C GLN A 218 -12.53 -11.66 24.30
N ARG A 219 -11.99 -11.75 25.52
CA ARG A 219 -12.18 -12.90 26.40
C ARG A 219 -12.94 -12.40 27.63
N ASP A 220 -14.11 -13.01 27.89
CA ASP A 220 -14.98 -12.58 28.98
C ASP A 220 -15.23 -11.07 28.93
N GLY A 221 -15.25 -10.50 27.71
CA GLY A 221 -15.50 -9.08 27.54
C GLY A 221 -14.29 -8.19 27.57
N GLU A 222 -13.10 -8.75 27.81
CA GLU A 222 -11.87 -7.97 27.91
C GLU A 222 -11.08 -8.13 26.62
N ASP A 223 -10.71 -7.00 26.00
CA ASP A 223 -9.90 -7.06 24.79
C ASP A 223 -8.60 -7.81 25.04
N GLN A 224 -8.25 -8.69 24.10
CA GLN A 224 -7.03 -9.48 24.17
C GLN A 224 -5.91 -8.86 23.34
N THR A 225 -5.75 -7.55 23.46
CA THR A 225 -4.79 -6.84 22.62
C THR A 225 -3.42 -7.51 22.64
N GLN A 226 -2.95 -7.86 23.83
CA GLN A 226 -1.60 -8.41 23.96
C GLN A 226 -1.47 -9.78 23.32
N ASP A 227 -2.54 -10.58 23.32
CA ASP A 227 -2.44 -11.98 22.93
C ASP A 227 -3.11 -12.26 21.60
N THR A 228 -3.40 -11.23 20.81
CA THR A 228 -4.02 -11.39 19.50
C THR A 228 -2.98 -11.27 18.40
N GLU A 229 -3.01 -12.23 17.47
CA GLU A 229 -2.19 -12.18 16.25
C GLU A 229 -3.01 -11.52 15.14
N LEU A 230 -2.51 -10.39 14.65
CA LEU A 230 -3.23 -9.56 13.67
C LEU A 230 -2.36 -9.39 12.43
N VAL A 231 -2.82 -9.92 11.28
CA VAL A 231 -2.04 -9.81 10.04
C VAL A 231 -2.36 -8.48 9.37
N GLU A 232 -1.45 -8.03 8.51
CA GLU A 232 -1.65 -6.79 7.79
C GLU A 232 -2.82 -6.92 6.83
N THR A 233 -3.67 -5.91 6.79
CA THR A 233 -4.75 -5.88 5.81
C THR A 233 -4.19 -6.03 4.42
N ARG A 234 -4.80 -6.89 3.62
CA ARG A 234 -4.21 -7.28 2.36
C ARG A 234 -5.20 -7.15 1.22
N PRO A 235 -4.71 -6.84 0.01
CA PRO A 235 -5.62 -6.69 -1.14
C PRO A 235 -5.98 -8.02 -1.78
N ALA A 236 -7.27 -8.17 -2.11
CA ALA A 236 -7.74 -9.38 -2.79
C ALA A 236 -7.45 -9.36 -4.28
N GLY A 237 -7.28 -8.17 -4.87
CA GLY A 237 -7.08 -8.00 -6.30
C GLY A 237 -8.31 -7.60 -7.07
N ASP A 238 -9.47 -7.49 -6.42
CA ASP A 238 -10.74 -7.10 -7.03
C ASP A 238 -11.26 -5.80 -6.43
N ARG A 239 -10.35 -5.03 -5.85
CA ARG A 239 -10.58 -3.76 -5.17
C ARG A 239 -10.81 -3.95 -3.68
N THR A 240 -11.19 -5.15 -3.25
CA THR A 240 -11.53 -5.38 -1.85
C THR A 240 -10.29 -5.85 -1.07
N PHE A 241 -10.45 -5.91 0.26
CA PHE A 241 -9.39 -6.22 1.20
C PHE A 241 -9.82 -7.37 2.10
N GLN A 242 -8.82 -7.95 2.76
CA GLN A 242 -8.99 -9.08 3.65
C GLN A 242 -8.16 -8.86 4.90
N LYS A 243 -8.60 -9.45 6.00
CA LYS A 243 -7.83 -9.40 7.23
C LYS A 243 -8.32 -10.49 8.16
N TRP A 244 -7.43 -10.96 9.03
CA TRP A 244 -7.84 -11.84 10.11
C TRP A 244 -7.07 -11.54 11.39
N ALA A 245 -7.67 -11.99 12.51
CA ALA A 245 -7.15 -11.86 13.87
C ALA A 245 -7.31 -13.22 14.54
N ALA A 246 -6.29 -13.68 15.25
CA ALA A 246 -6.33 -15.01 15.83
C ALA A 246 -5.88 -14.96 17.28
N VAL A 247 -6.50 -15.81 18.10
CA VAL A 247 -6.12 -15.99 19.50
C VAL A 247 -5.98 -17.49 19.77
N VAL A 248 -5.12 -17.82 20.73
CA VAL A 248 -4.95 -19.19 21.21
C VAL A 248 -5.76 -19.32 22.49
N VAL A 249 -6.64 -20.30 22.55
CA VAL A 249 -7.56 -20.38 23.68
C VAL A 249 -7.44 -21.72 24.38
N PRO A 250 -7.69 -21.77 25.69
CA PRO A 250 -7.77 -23.08 26.35
C PRO A 250 -8.94 -23.88 25.82
N SER A 251 -8.69 -25.16 25.53
CA SER A 251 -9.73 -26.03 25.02
C SER A 251 -10.92 -26.06 25.98
N GLY A 252 -12.11 -25.85 25.44
CA GLY A 252 -13.32 -25.79 26.22
C GLY A 252 -13.75 -24.39 26.57
N GLU A 253 -12.90 -23.39 26.38
CA GLU A 253 -13.22 -22.01 26.73
C GLU A 253 -13.59 -21.18 25.50
N GLU A 254 -13.86 -21.83 24.37
CA GLU A 254 -14.11 -21.10 23.13
C GLU A 254 -15.28 -20.13 23.26
N GLN A 255 -16.32 -20.49 24.01
CA GLN A 255 -17.49 -19.61 24.05
C GLN A 255 -17.26 -18.35 24.87
N ARG A 256 -16.16 -18.28 25.60
CA ARG A 256 -15.80 -17.05 26.31
C ARG A 256 -15.16 -16.03 25.38
N TYR A 257 -14.91 -16.37 24.12
CA TYR A 257 -14.22 -15.49 23.20
C TYR A 257 -15.20 -14.93 22.18
N THR A 258 -15.12 -13.61 21.95
CA THR A 258 -15.96 -12.95 20.97
C THR A 258 -15.13 -12.06 20.05
N CYS A 259 -15.42 -12.12 18.76
CA CYS A 259 -14.74 -11.27 17.79
C CYS A 259 -15.63 -10.09 17.48
N HIS A 260 -15.04 -8.91 17.47
CA HIS A 260 -15.76 -7.68 17.21
C HIS A 260 -15.20 -7.01 15.98
N VAL A 261 -16.09 -6.62 15.07
CA VAL A 261 -15.73 -6.09 13.77
C VAL A 261 -16.37 -4.70 13.61
N GLN A 262 -15.53 -3.73 13.29
CA GLN A 262 -15.96 -2.36 13.01
C GLN A 262 -15.53 -2.02 11.59
N HIS A 263 -16.47 -1.55 10.78
CA HIS A 263 -16.16 -1.15 9.41
C HIS A 263 -17.20 -0.14 8.95
N GLU A 264 -16.76 0.82 8.13
CA GLU A 264 -17.63 1.89 7.64
C GLU A 264 -18.89 1.34 6.98
N GLY A 265 -18.78 0.19 6.33
CA GLY A 265 -19.91 -0.41 5.65
C GLY A 265 -20.90 -1.08 6.57
N LEU A 266 -20.61 -1.14 7.86
CA LEU A 266 -21.47 -1.79 8.83
C LEU A 266 -22.25 -0.73 9.59
N PRO A 267 -23.59 -0.79 9.61
CA PRO A 267 -24.34 0.19 10.43
C PRO A 267 -24.05 0.08 11.91
N LYS A 268 -23.67 -1.10 12.39
CA LYS A 268 -23.39 -1.37 13.79
C LYS A 268 -22.22 -2.35 13.85
N PRO A 269 -21.35 -2.25 14.85
CA PRO A 269 -20.27 -3.24 14.98
C PRO A 269 -20.83 -4.64 15.14
N LEU A 270 -20.19 -5.60 14.49
CA LEU A 270 -20.60 -6.99 14.59
C LEU A 270 -19.89 -7.69 15.75
N THR A 271 -20.60 -8.61 16.39
CA THR A 271 -20.04 -9.51 17.40
C THR A 271 -20.22 -10.93 16.89
N LEU A 272 -19.12 -11.68 16.82
CA LEU A 272 -19.14 -13.04 16.29
C LEU A 272 -18.52 -14.01 17.28
N ARG A 273 -18.93 -15.27 17.18
N ARG A 273 -18.92 -15.27 17.17
CA ARG A 273 -18.38 -16.34 17.98
CA ARG A 273 -18.35 -16.33 17.99
C ARG A 273 -18.12 -17.54 17.08
C ARG A 273 -18.22 -17.59 17.16
N TRP A 274 -17.34 -18.48 17.60
CA TRP A 274 -17.20 -19.77 16.92
C TRP A 274 -18.49 -20.57 17.11
N GLU A 275 -19.03 -21.08 16.02
CA GLU A 275 -20.22 -21.93 16.10
C GLU A 275 -19.85 -23.42 16.10
N ILE B 2 19.96 1.02 6.73
CA ILE B 2 18.61 0.69 7.30
C ILE B 2 17.88 -0.28 6.38
N GLN B 3 17.38 -1.39 6.93
CA GLN B 3 16.72 -2.40 6.13
C GLN B 3 15.57 -3.00 6.92
N ARG B 4 14.46 -3.29 6.22
N ARG B 4 14.47 -3.30 6.22
CA ARG B 4 13.29 -3.91 6.82
CA ARG B 4 13.29 -3.90 6.81
C ARG B 4 12.90 -5.12 6.00
C ARG B 4 12.89 -5.12 6.00
N THR B 5 12.71 -6.25 6.67
CA THR B 5 12.44 -7.52 5.99
C THR B 5 10.97 -7.62 5.63
N PRO B 6 10.63 -8.20 4.47
CA PRO B 6 9.21 -8.25 4.07
C PRO B 6 8.38 -9.18 4.96
N LYS B 7 7.15 -8.75 5.25
CA LYS B 7 6.07 -9.63 5.68
C LYS B 7 5.47 -10.26 4.46
N ILE B 8 5.17 -11.54 4.54
CA ILE B 8 4.75 -12.33 3.38
C ILE B 8 3.44 -13.01 3.70
N GLN B 9 2.46 -12.86 2.80
CA GLN B 9 1.18 -13.55 2.90
C GLN B 9 0.83 -14.17 1.56
N VAL B 10 0.50 -15.47 1.57
CA VAL B 10 0.10 -16.21 0.38
C VAL B 10 -1.35 -16.65 0.56
N TYR B 11 -2.19 -16.36 -0.44
CA TYR B 11 -3.63 -16.53 -0.26
C TYR B 11 -4.37 -16.40 -1.58
N SER B 12 -5.63 -16.87 -1.56
CA SER B 12 -6.53 -16.82 -2.69
C SER B 12 -7.44 -15.60 -2.66
N ARG B 13 -7.76 -15.10 -3.85
CA ARG B 13 -8.65 -13.95 -3.93
C ARG B 13 -10.02 -14.28 -3.36
N HIS B 14 -10.59 -15.42 -3.75
CA HIS B 14 -11.86 -15.95 -3.31
C HIS B 14 -11.64 -17.21 -2.48
N PRO B 15 -12.59 -17.59 -1.63
CA PRO B 15 -12.47 -18.88 -0.93
C PRO B 15 -12.23 -19.98 -1.95
N ALA B 16 -11.28 -20.88 -1.64
CA ALA B 16 -10.84 -21.86 -2.61
C ALA B 16 -11.88 -22.96 -2.76
N GLU B 17 -12.25 -23.27 -4.00
CA GLU B 17 -13.10 -24.40 -4.32
C GLU B 17 -12.41 -25.22 -5.42
N ASN B 18 -12.13 -26.49 -5.14
CA ASN B 18 -11.46 -27.32 -6.13
C ASN B 18 -12.20 -27.29 -7.45
N GLY B 19 -11.45 -27.13 -8.54
CA GLY B 19 -12.00 -27.08 -9.87
C GLY B 19 -12.58 -25.75 -10.30
N LYS B 20 -12.55 -24.75 -9.43
CA LYS B 20 -13.11 -23.43 -9.72
C LYS B 20 -11.97 -22.43 -9.88
N SER B 21 -11.95 -21.72 -11.00
CA SER B 21 -10.91 -20.74 -11.27
C SER B 21 -10.89 -19.65 -10.19
N ASN B 22 -9.70 -19.13 -9.92
CA ASN B 22 -9.47 -18.24 -8.79
C ASN B 22 -8.22 -17.42 -9.11
N PHE B 23 -7.73 -16.69 -8.12
CA PHE B 23 -6.46 -15.99 -8.22
C PHE B 23 -5.62 -16.32 -6.99
N LEU B 24 -4.36 -16.66 -7.23
CA LEU B 24 -3.39 -16.92 -6.18
C LEU B 24 -2.55 -15.67 -5.99
N ASN B 25 -2.48 -15.18 -4.75
CA ASN B 25 -1.81 -13.92 -4.43
C ASN B 25 -0.64 -14.14 -3.48
N CYS B 26 0.42 -13.36 -3.68
CA CYS B 26 1.50 -13.21 -2.71
C CYS B 26 1.64 -11.73 -2.46
N TYR B 27 1.33 -11.28 -1.24
CA TYR B 27 1.45 -9.89 -0.84
C TYR B 27 2.69 -9.74 0.02
N VAL B 28 3.61 -8.90 -0.41
CA VAL B 28 4.82 -8.60 0.36
C VAL B 28 4.72 -7.15 0.79
N SER B 29 5.01 -6.89 2.06
CA SER B 29 4.81 -5.55 2.59
C SER B 29 5.84 -5.28 3.68
N GLY B 30 5.88 -4.02 4.08
CA GLY B 30 6.72 -3.62 5.19
C GLY B 30 8.21 -3.66 4.95
N PHE B 31 8.68 -3.64 3.71
CA PHE B 31 10.10 -3.86 3.44
C PHE B 31 10.81 -2.65 2.83
N HIS B 32 12.12 -2.65 3.04
CA HIS B 32 13.01 -1.66 2.49
C HIS B 32 14.40 -2.29 2.51
N PRO B 33 15.22 -2.15 1.46
CA PRO B 33 14.97 -1.39 0.23
C PRO B 33 13.93 -2.06 -0.67
N SER B 34 13.63 -1.44 -1.81
CA SER B 34 12.52 -1.88 -2.64
C SER B 34 12.85 -3.08 -3.51
N ASP B 35 14.14 -3.31 -3.78
CA ASP B 35 14.54 -4.47 -4.58
C ASP B 35 14.04 -5.75 -3.94
N ILE B 36 13.30 -6.55 -4.70
CA ILE B 36 12.78 -7.81 -4.17
C ILE B 36 12.47 -8.75 -5.32
N GLU B 37 12.59 -10.05 -5.06
N GLU B 37 12.59 -10.04 -5.06
CA GLU B 37 12.28 -11.09 -6.02
CA GLU B 37 12.28 -11.09 -6.02
C GLU B 37 11.19 -11.97 -5.43
C GLU B 37 11.19 -11.98 -5.44
N VAL B 38 10.10 -12.16 -6.18
CA VAL B 38 8.96 -12.93 -5.72
C VAL B 38 8.57 -13.91 -6.82
N ASP B 39 8.52 -15.19 -6.48
CA ASP B 39 8.02 -16.22 -7.39
C ASP B 39 6.82 -16.90 -6.75
N LEU B 40 5.85 -17.28 -7.58
CA LEU B 40 4.78 -18.18 -7.16
C LEU B 40 5.15 -19.57 -7.66
N LEU B 41 4.90 -20.57 -6.84
CA LEU B 41 5.34 -21.93 -7.12
C LEU B 41 4.16 -22.88 -7.15
N LYS B 42 4.17 -23.78 -8.12
CA LYS B 42 3.18 -24.87 -8.23
C LYS B 42 3.96 -26.17 -8.09
N ASN B 43 3.71 -26.91 -7.01
CA ASN B 43 4.41 -28.17 -6.73
C ASN B 43 5.92 -27.96 -6.83
N GLY B 44 6.38 -26.82 -6.32
CA GLY B 44 7.80 -26.51 -6.26
C GLY B 44 8.38 -25.83 -7.48
N GLU B 45 7.63 -25.72 -8.57
CA GLU B 45 8.15 -25.15 -9.80
C GLU B 45 7.60 -23.74 -10.02
N ARG B 46 8.42 -22.89 -10.63
CA ARG B 46 8.02 -21.51 -10.84
CA ARG B 46 8.03 -21.50 -10.84
C ARG B 46 6.88 -21.42 -11.84
N ILE B 47 5.81 -20.76 -11.43
CA ILE B 47 4.74 -20.42 -12.36
C ILE B 47 5.24 -19.34 -13.29
N GLU B 48 5.05 -19.54 -14.60
N GLU B 48 5.03 -19.51 -14.59
CA GLU B 48 5.66 -18.65 -15.59
CA GLU B 48 5.69 -18.65 -15.56
C GLU B 48 4.98 -17.30 -15.60
C GLU B 48 4.98 -17.30 -15.70
N LYS B 49 3.66 -17.29 -15.74
CA LYS B 49 2.90 -16.08 -16.00
C LYS B 49 2.42 -15.53 -14.66
N VAL B 50 3.10 -14.50 -14.17
CA VAL B 50 2.75 -13.86 -12.91
C VAL B 50 2.84 -12.35 -13.11
N GLU B 51 1.80 -11.64 -12.69
CA GLU B 51 1.78 -10.19 -12.77
C GLU B 51 2.02 -9.59 -11.38
N HIS B 52 2.31 -8.29 -11.34
CA HIS B 52 2.51 -7.61 -10.06
C HIS B 52 2.00 -6.17 -10.16
N SER B 53 1.61 -5.64 -9.01
CA SER B 53 1.18 -4.26 -8.92
C SER B 53 2.38 -3.33 -9.06
N ASP B 54 2.11 -2.05 -9.24
CA ASP B 54 3.17 -1.05 -9.31
C ASP B 54 3.62 -0.67 -7.91
N LEU B 55 4.93 -0.56 -7.73
CA LEU B 55 5.53 -0.22 -6.45
C LEU B 55 4.86 1.00 -5.82
N SER B 56 4.43 0.82 -4.56
CA SER B 56 3.89 1.91 -3.77
C SER B 56 4.34 1.69 -2.34
N PHE B 57 3.91 2.57 -1.43
CA PHE B 57 4.43 2.45 -0.08
C PHE B 57 3.44 2.98 0.94
N SER B 58 3.65 2.57 2.18
CA SER B 58 2.79 2.89 3.29
C SER B 58 3.23 4.17 3.99
N LYS B 59 2.43 4.59 4.97
CA LYS B 59 2.70 5.84 5.66
C LYS B 59 4.08 5.85 6.27
N ASP B 60 4.59 4.69 6.68
CA ASP B 60 5.90 4.62 7.30
C ASP B 60 7.00 4.43 6.27
N TRP B 61 6.68 4.63 4.99
CA TRP B 61 7.58 4.62 3.85
C TRP B 61 7.97 3.20 3.41
N SER B 62 7.58 2.15 4.14
CA SER B 62 7.91 0.80 3.72
C SER B 62 7.08 0.44 2.48
N PHE B 63 7.66 -0.42 1.65
CA PHE B 63 7.09 -0.76 0.35
C PHE B 63 6.16 -1.96 0.45
N TYR B 64 5.21 -2.04 -0.49
CA TYR B 64 4.38 -3.22 -0.63
C TYR B 64 4.13 -3.50 -2.10
N LEU B 65 3.96 -4.79 -2.40
CA LEU B 65 3.67 -5.25 -3.76
C LEU B 65 2.75 -6.46 -3.69
N LEU B 66 1.90 -6.60 -4.69
CA LEU B 66 1.04 -7.77 -4.86
C LEU B 66 1.45 -8.51 -6.12
N TYR B 67 1.83 -9.78 -5.96
CA TYR B 67 2.07 -10.69 -7.09
C TYR B 67 0.88 -11.63 -7.19
N TYR B 68 0.47 -11.93 -8.42
CA TYR B 68 -0.76 -12.69 -8.56
C TYR B 68 -0.79 -13.44 -9.88
N THR B 69 -1.57 -14.52 -9.88
CA THR B 69 -1.78 -15.29 -11.09
C THR B 69 -3.11 -16.03 -10.98
N GLU B 70 -3.79 -16.16 -12.11
CA GLU B 70 -4.97 -17.02 -12.19
C GLU B 70 -4.55 -18.46 -11.96
N PHE B 71 -5.41 -19.22 -11.27
CA PHE B 71 -5.16 -20.64 -11.06
C PHE B 71 -6.45 -21.31 -10.64
N THR B 72 -6.46 -22.64 -10.80
CA THR B 72 -7.61 -23.47 -10.43
C THR B 72 -7.10 -24.48 -9.42
N PRO B 73 -7.35 -24.26 -8.14
CA PRO B 73 -6.84 -25.16 -7.12
C PRO B 73 -7.47 -26.54 -7.25
N THR B 74 -6.71 -27.55 -6.83
CA THR B 74 -7.15 -28.93 -6.75
C THR B 74 -6.81 -29.45 -5.36
N GLU B 75 -7.14 -30.71 -5.12
CA GLU B 75 -6.82 -31.33 -3.83
C GLU B 75 -5.33 -31.52 -3.65
N LYS B 76 -4.64 -32.00 -4.68
CA LYS B 76 -3.24 -32.42 -4.56
C LYS B 76 -2.26 -31.28 -4.81
N ASP B 77 -2.62 -30.31 -5.63
CA ASP B 77 -1.65 -29.31 -6.06
C ASP B 77 -1.26 -28.43 -4.89
N GLU B 78 0.05 -28.33 -4.67
CA GLU B 78 0.63 -27.47 -3.63
C GLU B 78 1.10 -26.17 -4.26
N TYR B 79 0.84 -25.05 -3.56
CA TYR B 79 1.25 -23.73 -4.01
C TYR B 79 2.00 -23.02 -2.92
N ALA B 80 2.92 -22.14 -3.32
CA ALA B 80 3.70 -21.38 -2.36
C ALA B 80 4.20 -20.11 -3.01
N CYS B 81 4.78 -19.25 -2.18
CA CYS B 81 5.43 -18.01 -2.60
C CYS B 81 6.88 -18.05 -2.15
N ARG B 82 7.80 -17.72 -3.05
CA ARG B 82 9.22 -17.70 -2.73
C ARG B 82 9.75 -16.29 -2.86
N VAL B 83 10.32 -15.76 -1.78
CA VAL B 83 10.71 -14.36 -1.70
C VAL B 83 12.19 -14.30 -1.39
N ASN B 84 12.91 -13.46 -2.13
CA ASN B 84 14.26 -13.12 -1.73
C ASN B 84 14.42 -11.62 -1.61
N HIS B 85 15.26 -11.22 -0.67
CA HIS B 85 15.48 -9.84 -0.26
C HIS B 85 16.82 -9.77 0.44
N VAL B 86 17.42 -8.59 0.44
N VAL B 86 17.41 -8.58 0.44
CA VAL B 86 18.75 -8.46 1.03
CA VAL B 86 18.74 -8.41 1.03
C VAL B 86 18.73 -8.82 2.50
C VAL B 86 18.74 -8.75 2.51
N THR B 87 17.59 -8.65 3.17
CA THR B 87 17.52 -8.98 4.59
C THR B 87 17.47 -10.47 4.84
N LEU B 88 17.40 -11.30 3.80
CA LEU B 88 17.18 -12.73 3.96
C LEU B 88 18.45 -13.50 3.64
N SER B 89 18.91 -14.30 4.63
CA SER B 89 20.05 -15.18 4.42
C SER B 89 19.84 -16.02 3.15
N GLN B 90 18.60 -16.45 2.94
CA GLN B 90 18.23 -17.46 1.95
C GLN B 90 16.79 -17.18 1.56
N PRO B 91 16.38 -17.56 0.36
CA PRO B 91 14.97 -17.31 -0.02
C PRO B 91 14.02 -17.92 1.01
N LYS B 92 12.97 -17.19 1.36
CA LYS B 92 11.94 -17.68 2.27
C LYS B 92 10.75 -18.19 1.46
N ILE B 93 10.31 -19.41 1.76
CA ILE B 93 9.18 -20.02 1.07
C ILE B 93 8.02 -20.10 2.06
N VAL B 94 6.87 -19.54 1.66
CA VAL B 94 5.65 -19.57 2.46
C VAL B 94 4.65 -20.38 1.67
N LYS B 95 4.07 -21.40 2.29
CA LYS B 95 3.14 -22.27 1.59
C LYS B 95 1.72 -21.74 1.70
N TRP B 96 0.94 -21.95 0.64
CA TRP B 96 -0.47 -21.58 0.67
C TRP B 96 -1.22 -22.57 1.56
N ASP B 97 -1.99 -22.06 2.50
CA ASP B 97 -2.77 -22.87 3.44
C ASP B 97 -4.22 -22.42 3.27
N ARG B 98 -5.00 -23.19 2.51
CA ARG B 98 -6.36 -22.79 2.23
C ARG B 98 -7.23 -22.88 3.47
N ASP B 99 -6.87 -23.75 4.41
CA ASP B 99 -7.68 -24.06 5.59
C ASP B 99 -7.54 -23.03 6.71
N MET B 100 -6.90 -21.89 6.43
CA MET B 100 -6.68 -20.87 7.45
C MET B 100 -8.03 -20.33 7.94
N LYS C 1 -5.56 15.56 -9.94
CA LYS C 1 -4.64 16.27 -10.84
C LYS C 1 -3.36 16.65 -10.10
N ARG C 2 -2.21 16.50 -10.76
CA ARG C 2 -0.93 16.61 -10.06
C ARG C 2 -0.51 18.07 -9.88
N TRP C 3 0.42 18.26 -8.95
CA TRP C 3 1.08 19.53 -8.72
C TRP C 3 2.47 19.42 -9.32
N ILE C 4 3.03 20.55 -9.74
CA ILE C 4 4.39 20.51 -10.29
C ILE C 4 5.23 21.52 -9.55
N ILE C 5 6.31 21.04 -8.95
CA ILE C 5 7.25 21.79 -8.14
C ILE C 5 7.93 22.86 -8.99
N LEU C 6 7.43 24.09 -8.90
CA LEU C 6 7.90 25.19 -9.74
C LEU C 6 9.18 25.81 -9.19
#